data_5FK3
#
_entry.id   5FK3
#
_cell.length_a   62.262
_cell.length_b   62.262
_cell.length_c   153.780
_cell.angle_alpha   90.00
_cell.angle_beta   90.00
_cell.angle_gamma   90.00
#
_symmetry.space_group_name_H-M   'P 43 21 2'
#
loop_
_entity.id
_entity.type
_entity.pdbx_description
1 polymer 'SAM-I RIBOSWITCH'
2 non-polymer S-ADENOSYLMETHIONINE
3 non-polymer 'BARIUM ION'
4 non-polymer 'POTASSIUM ION'
5 water water
#
_entity_poly.entity_id   1
_entity_poly.type   'polyribonucleotide'
_entity_poly.pdbx_seq_one_letter_code
;GGCUUAUCAAGAGAGGGCGAGCGACUGGCGCGAAGACCCCCGGCAACCAGAAAUGGUGCCAAUUCCUGCAGCGGAAACGU
UGAAAGAUGAGCCG
;
_entity_poly.pdbx_strand_id   A
#
loop_
_chem_comp.id
_chem_comp.type
_chem_comp.name
_chem_comp.formula
A RNA linking ADENOSINE-5'-MONOPHOSPHATE 'C10 H14 N5 O7 P'
BA non-polymer 'BARIUM ION' 'Ba 2'
C RNA linking CYTIDINE-5'-MONOPHOSPHATE 'C9 H14 N3 O8 P'
G RNA linking GUANOSINE-5'-MONOPHOSPHATE 'C10 H14 N5 O8 P'
K non-polymer 'POTASSIUM ION' 'K 1'
SAM non-polymer S-ADENOSYLMETHIONINE 'C15 H22 N6 O5 S'
U RNA linking URIDINE-5'-MONOPHOSPHATE 'C9 H13 N2 O9 P'
#
# COMPACT_ATOMS: atom_id res chain seq x y z
N SAM B . 1.49 -1.63 -1.92
CA SAM B . 0.35 -2.23 -1.22
C SAM B . -0.03 -3.61 -1.75
O SAM B . -0.88 -4.29 -1.17
OXT SAM B . 0.49 -4.09 -2.76
CB SAM B . -0.85 -1.29 -1.25
CG SAM B . -0.48 0.15 -0.92
SD SAM B . -1.88 1.29 -1.08
CE SAM B . -3.25 0.30 -0.43
C5' SAM B . -2.21 1.19 -2.85
C4' SAM B . -1.33 2.15 -3.62
O4' SAM B . 0.03 1.81 -3.43
C3' SAM B . -1.57 2.14 -5.12
O3' SAM B . -2.47 3.17 -5.48
C2' SAM B . -0.19 2.43 -5.69
O2' SAM B . -0.12 3.78 -6.08
C1' SAM B . 0.79 2.20 -4.56
N9 SAM B . 1.76 1.13 -4.91
C8 SAM B . 3.12 1.24 -4.80
N7 SAM B . 3.67 0.09 -5.22
C5 SAM B . 2.69 -0.77 -5.59
C6 SAM B . 2.72 -2.07 -6.08
N6 SAM B . 3.87 -2.70 -6.26
N1 SAM B . 1.53 -2.69 -6.39
C2 SAM B . 0.33 -2.05 -6.20
N3 SAM B . 0.32 -0.75 -5.71
C4 SAM B . 1.48 -0.11 -5.41
BA BA C . -2.81 -0.12 18.54
BA BA D . -31.22 8.36 16.50
BA BA E . -3.27 -3.92 1.25
BA BA F . 0.40 -12.74 25.19
BA BA G . -6.27 10.60 4.71
BA BA H . 10.63 13.62 6.42
BA BA I . 9.04 14.39 2.37
BA BA J . -6.42 1.62 11.79
BA BA K . 9.49 -5.69 -8.62
BA BA L . 12.23 -8.88 -2.35
BA BA M . 9.07 -6.01 -11.74
BA BA N . 4.14 1.54 -18.60
BA BA O . -17.10 3.54 10.03
BA BA P . 12.02 -16.97 12.04
BA BA Q . 16.47 -5.38 17.62
K K R . -0.22 11.24 0.07
K K S . -22.23 6.02 14.03
K K T . -3.36 -6.04 6.64
#